data_7V44
#
_entry.id   7V44
#
_cell.length_a   111.063
_cell.length_b   111.063
_cell.length_c   80.570
_cell.angle_alpha   90.000
_cell.angle_beta   90.000
_cell.angle_gamma   120.000
#
_symmetry.space_group_name_H-M   'P 32 2 1'
#
loop_
_entity.id
_entity.type
_entity.pdbx_description
1 polymer 'p450tol monooxygenase'
2 non-polymer 'PROTOPORPHYRIN IX CONTAINING FE'
3 non-polymer 1-chloranyl-2-methyl-benzene
4 non-polymer GLYCEROL
5 non-polymer 'PHOSPHATE ION'
6 water water
#
_entity_poly.entity_id   1
_entity_poly.type   'polypeptide(L)'
_entity_poly.pdbx_seq_one_letter_code
;MTTVESNTTAAIPDEIARQIVLPEGHKDNVPLFEAYRWLRENQPLGQARVEGYDPLWLITKYADLMEVERQPQIFAAGGG
EDKGSNNPILANQAGDEFTRQLLGGNLRILDALPYLDQPEHSVVKDVAFDWFRPANLKKWEDRIRETARASIDRLLAGGP
DLDAVQEFAVFFPLRVIMSLFGVPEEDEPRMMALTQDFFGVADPDAQRDDIEALSPDAAAQQWAATIADFYAYFDVLVES
RRAEPRDDLATLIAVAKDENGEYFPKTFAYGWFVAIATAGHDTTASTLAGCLQSLAAHPEVLDRVKGDPDLIPDLVNESL
RIVSPVKHFTRVALQDYEMRGQKIKAGDRLMLLFQSGNRDAEVFDRPDDFDIDRRPNKHIAFGYGPHMCIGQHLAKLELK
VMLQELLPHLERVEVSGEPKLIQTNFVGGLRKLPVHLTFS
;
_entity_poly.pdbx_strand_id   A
#
loop_
_chem_comp.id
_chem_comp.type
_chem_comp.name
_chem_comp.formula
C3U non-polymer 1-chloranyl-2-methyl-benzene 'C7 H7 Cl'
GOL non-polymer GLYCEROL 'C3 H8 O3'
HEM non-polymer 'PROTOPORPHYRIN IX CONTAINING FE' 'C34 H32 Fe N4 O4'
PO4 non-polymer 'PHOSPHATE ION' 'O4 P -3'
#
# COMPACT_ATOMS: atom_id res chain seq x y z
N THR A 9 21.45 -22.64 6.04
CA THR A 9 22.35 -21.79 5.20
C THR A 9 21.92 -21.88 3.72
N ALA A 10 21.23 -22.93 3.30
CA ALA A 10 20.90 -23.10 1.87
C ALA A 10 19.98 -21.94 1.45
N ALA A 11 20.06 -21.57 0.20
CA ALA A 11 19.10 -20.63 -0.40
C ALA A 11 17.70 -21.19 -0.18
N ILE A 12 16.69 -20.34 -0.23
CA ILE A 12 15.30 -20.81 -0.24
C ILE A 12 15.09 -21.65 -1.50
N PRO A 13 14.29 -22.71 -1.43
CA PRO A 13 14.01 -23.50 -2.62
C PRO A 13 13.38 -22.62 -3.70
N ASP A 14 13.73 -22.90 -4.94
CA ASP A 14 13.46 -21.99 -6.06
C ASP A 14 11.97 -21.77 -6.19
N GLU A 15 11.08 -22.76 -6.08
CA GLU A 15 9.67 -22.45 -6.42
C GLU A 15 9.05 -21.62 -5.29
N ILE A 16 9.49 -21.79 -4.06
CA ILE A 16 8.99 -20.94 -2.94
C ILE A 16 9.47 -19.50 -3.15
N ALA A 17 10.72 -19.36 -3.49
CA ALA A 17 11.34 -18.05 -3.74
C ALA A 17 10.61 -17.33 -4.87
N ARG A 18 10.38 -18.00 -5.98
CA ARG A 18 9.73 -17.36 -7.12
C ARG A 18 8.32 -16.96 -6.76
N GLN A 19 7.60 -17.76 -5.96
CA GLN A 19 6.20 -17.48 -5.62
C GLN A 19 6.08 -16.09 -4.97
N ILE A 20 7.07 -15.74 -4.19
CA ILE A 20 7.01 -14.48 -3.40
C ILE A 20 7.69 -13.34 -4.14
N VAL A 21 8.80 -13.58 -4.82
CA VAL A 21 9.58 -12.53 -5.49
C VAL A 21 8.88 -12.10 -6.77
N LEU A 22 8.46 -13.05 -7.58
CA LEU A 22 7.91 -12.66 -8.90
C LEU A 22 6.51 -12.11 -8.74
N PRO A 23 6.15 -11.03 -9.43
CA PRO A 23 4.80 -10.50 -9.40
C PRO A 23 3.73 -11.56 -9.75
N GLU A 24 4.04 -12.43 -10.70
CA GLU A 24 3.10 -13.52 -11.13
C GLU A 24 2.78 -14.44 -9.98
N GLY A 25 3.66 -14.57 -9.03
CA GLY A 25 3.51 -15.39 -7.84
C GLY A 25 2.36 -14.92 -6.98
N HIS A 26 1.93 -13.69 -7.14
CA HIS A 26 0.90 -13.05 -6.28
C HIS A 26 -0.45 -13.05 -6.99
N LYS A 27 -0.56 -13.68 -8.18
CA LYS A 27 -1.84 -13.63 -8.92
C LYS A 27 -2.96 -14.31 -8.16
N ASP A 28 -2.64 -15.31 -7.36
CA ASP A 28 -3.58 -16.10 -6.56
C ASP A 28 -3.08 -16.16 -5.11
N ASN A 29 -3.92 -15.67 -4.22
CA ASN A 29 -3.52 -15.66 -2.79
C ASN A 29 -3.23 -17.03 -2.21
N VAL A 30 -3.93 -18.10 -2.64
CA VAL A 30 -3.72 -19.41 -1.96
C VAL A 30 -2.28 -19.86 -2.08
N PRO A 31 -1.65 -20.02 -3.25
CA PRO A 31 -0.26 -20.49 -3.31
C PRO A 31 0.75 -19.49 -2.73
N LEU A 32 0.39 -18.21 -2.84
CA LEU A 32 1.24 -17.15 -2.24
C LEU A 32 1.34 -17.35 -0.71
N PHE A 33 0.18 -17.42 -0.07
CA PHE A 33 0.17 -17.51 1.41
C PHE A 33 0.69 -18.85 1.84
N GLU A 34 0.51 -19.89 1.03
CA GLU A 34 1.12 -21.16 1.41
C GLU A 34 2.64 -21.09 1.35
N ALA A 35 3.18 -20.28 0.45
CA ALA A 35 4.65 -20.09 0.37
C ALA A 35 5.15 -19.30 1.59
N TYR A 36 4.40 -18.25 1.98
CA TYR A 36 4.71 -17.46 3.18
C TYR A 36 4.91 -18.42 4.37
N ARG A 37 3.78 -19.28 4.49
CA ARG A 37 3.63 -20.26 5.60
C ARG A 37 4.76 -21.28 5.57
N TRP A 38 5.09 -21.82 4.40
CA TRP A 38 6.20 -22.78 4.31
C TRP A 38 7.47 -22.18 4.89
N LEU A 39 7.77 -20.93 4.50
CA LEU A 39 8.95 -20.26 5.06
C LEU A 39 8.84 -20.08 6.58
N ARG A 40 7.74 -19.52 7.05
CA ARG A 40 7.61 -19.28 8.51
C ARG A 40 7.85 -20.58 9.28
N GLU A 41 7.45 -21.71 8.71
CA GLU A 41 7.51 -23.00 9.45
C GLU A 41 8.80 -23.75 9.20
N ASN A 42 9.52 -23.52 8.10
CA ASN A 42 10.67 -24.34 7.69
C ASN A 42 11.94 -23.53 7.43
N GLN A 43 11.83 -22.24 7.07
CA GLN A 43 13.00 -21.45 6.71
C GLN A 43 12.64 -19.99 6.94
N PRO A 44 12.40 -19.59 8.21
CA PRO A 44 11.80 -18.29 8.49
C PRO A 44 12.70 -17.14 8.04
N LEU A 45 14.00 -17.29 7.99
CA LEU A 45 14.93 -16.26 7.51
C LEU A 45 15.95 -16.91 6.58
N GLY A 46 15.60 -16.89 5.32
CA GLY A 46 16.44 -17.40 4.22
C GLY A 46 16.61 -16.39 3.12
N GLN A 47 17.54 -16.65 2.23
CA GLN A 47 17.82 -15.76 1.10
C GLN A 47 17.20 -16.36 -0.15
N ALA A 48 16.34 -15.63 -0.81
CA ALA A 48 15.80 -15.97 -2.13
C ALA A 48 16.83 -15.50 -3.15
N ARG A 49 17.19 -16.39 -4.09
CA ARG A 49 18.15 -16.11 -5.17
C ARG A 49 17.42 -16.38 -6.47
N VAL A 50 16.54 -15.51 -6.89
CA VAL A 50 15.69 -15.71 -8.07
C VAL A 50 16.42 -15.08 -9.26
N GLU A 51 16.46 -15.80 -10.38
CA GLU A 51 17.12 -15.31 -11.60
C GLU A 51 16.50 -13.97 -11.98
N GLY A 52 17.37 -12.98 -12.22
CA GLY A 52 16.91 -11.65 -12.63
C GLY A 52 16.69 -10.70 -11.48
N TYR A 53 16.84 -11.18 -10.25
CA TYR A 53 16.69 -10.34 -9.03
C TYR A 53 17.94 -10.42 -8.22
N ASP A 54 18.19 -9.37 -7.45
CA ASP A 54 19.24 -9.43 -6.42
C ASP A 54 18.83 -10.50 -5.40
N PRO A 55 19.80 -11.09 -4.68
CA PRO A 55 19.48 -11.92 -3.53
C PRO A 55 18.71 -11.11 -2.48
N LEU A 56 17.71 -11.77 -1.90
CA LEU A 56 16.87 -11.08 -0.89
C LEU A 56 16.69 -11.97 0.32
N TRP A 57 16.94 -11.41 1.51
CA TRP A 57 16.48 -12.06 2.73
C TRP A 57 15.00 -11.87 2.82
N LEU A 58 14.21 -12.91 2.91
CA LEU A 58 12.74 -12.83 2.99
C LEU A 58 12.36 -12.77 4.46
N ILE A 59 11.87 -11.62 4.90
CA ILE A 59 11.54 -11.39 6.31
C ILE A 59 10.09 -11.77 6.47
N THR A 60 9.87 -12.97 6.98
CA THR A 60 8.56 -13.60 7.06
C THR A 60 7.91 -13.58 8.44
N LYS A 61 8.71 -13.36 9.48
CA LYS A 61 8.22 -13.49 10.86
C LYS A 61 7.92 -12.11 11.43
N TYR A 62 6.84 -12.02 12.17
CA TYR A 62 6.40 -10.76 12.79
C TYR A 62 7.50 -10.14 13.64
N ALA A 63 8.16 -10.92 14.49
CA ALA A 63 9.18 -10.35 15.39
C ALA A 63 10.30 -9.78 14.56
N ASP A 64 10.64 -10.44 13.44
CA ASP A 64 11.79 -10.03 12.64
C ASP A 64 11.45 -8.76 11.86
N LEU A 65 10.22 -8.59 11.44
CA LEU A 65 9.79 -7.33 10.82
C LEU A 65 9.98 -6.16 11.77
N MET A 66 9.61 -6.34 13.02
CA MET A 66 9.78 -5.28 14.02
C MET A 66 11.26 -5.04 14.26
N GLU A 67 12.05 -6.11 14.35
CA GLU A 67 13.49 -5.96 14.65
C GLU A 67 14.21 -5.18 13.57
N VAL A 68 13.87 -5.44 12.32
CA VAL A 68 14.48 -4.71 11.20
C VAL A 68 13.97 -3.28 11.19
N GLU A 69 12.68 -3.06 11.26
CA GLU A 69 12.13 -1.72 11.07
C GLU A 69 12.49 -0.75 12.17
N ARG A 70 12.70 -1.25 13.39
CA ARG A 70 13.03 -0.36 14.51
C ARG A 70 14.50 0.02 14.49
N GLN A 71 15.30 -0.48 13.52
CA GLN A 71 16.74 -0.18 13.48
C GLN A 71 17.13 0.45 12.13
N PRO A 72 16.60 1.63 11.80
CA PRO A 72 16.95 2.30 10.54
C PRO A 72 18.45 2.66 10.41
N GLN A 73 19.20 2.76 11.50
CA GLN A 73 20.67 3.06 11.42
C GLN A 73 21.36 1.82 10.89
N ILE A 74 20.75 0.64 10.93
CA ILE A 74 21.32 -0.62 10.39
C ILE A 74 20.68 -1.01 9.08
N PHE A 75 19.38 -0.87 8.95
CA PHE A 75 18.63 -1.31 7.77
C PHE A 75 18.00 -0.09 7.09
N ALA A 76 18.66 0.35 6.04
CA ALA A 76 18.23 1.56 5.33
C ALA A 76 17.20 1.25 4.25
N ALA A 77 16.43 2.26 3.89
CA ALA A 77 15.42 2.19 2.83
C ALA A 77 16.02 2.63 1.50
N GLY A 78 16.79 3.70 1.50
CA GLY A 78 17.28 4.33 0.26
C GLY A 78 18.74 4.14 0.07
N GLY A 79 19.48 3.53 1.00
CA GLY A 79 20.92 3.31 0.93
C GLY A 79 21.73 4.19 1.83
N GLY A 80 21.09 4.92 2.73
CA GLY A 80 21.86 5.77 3.66
C GLY A 80 22.47 6.95 2.96
N GLU A 81 23.72 7.25 3.30
CA GLU A 81 24.37 8.47 2.77
C GLU A 81 24.54 8.37 1.25
N ASP A 82 24.64 7.16 0.71
CA ASP A 82 24.68 6.96 -0.76
C ASP A 82 23.24 6.93 -1.24
N LYS A 83 22.68 8.10 -1.40
CA LYS A 83 21.24 8.27 -1.56
C LYS A 83 20.79 7.64 -2.85
N GLY A 84 19.75 6.83 -2.84
CA GLY A 84 19.28 6.17 -4.06
C GLY A 84 20.05 4.93 -4.40
N SER A 85 20.95 4.43 -3.57
CA SER A 85 21.69 3.21 -3.89
C SER A 85 20.87 1.97 -3.62
N ASN A 86 19.73 2.08 -2.92
CA ASN A 86 18.78 0.97 -2.74
C ASN A 86 17.41 1.44 -3.24
N ASN A 87 16.75 0.54 -3.98
CA ASN A 87 15.36 0.78 -4.35
C ASN A 87 14.45 0.22 -3.26
N PRO A 88 13.68 1.06 -2.56
CA PRO A 88 12.81 0.55 -1.48
C PRO A 88 11.66 -0.29 -2.01
N ILE A 89 11.38 -0.29 -3.31
CA ILE A 89 10.27 -1.04 -3.90
C ILE A 89 10.88 -2.04 -4.84
N LEU A 90 10.66 -3.30 -4.71
CA LEU A 90 11.47 -4.31 -5.43
C LEU A 90 11.21 -4.22 -6.92
N ALA A 91 12.20 -3.82 -7.65
CA ALA A 91 12.27 -4.01 -9.11
C ALA A 91 13.18 -5.17 -9.36
N ASN A 92 13.06 -5.73 -10.57
CA ASN A 92 14.06 -6.69 -11.04
C ASN A 92 15.35 -5.96 -11.39
N GLN A 93 16.40 -6.71 -11.61
CA GLN A 93 17.73 -6.14 -11.88
C GLN A 93 17.70 -5.30 -13.15
N ALA A 94 17.04 -5.80 -14.20
CA ALA A 94 16.96 -5.04 -15.45
C ALA A 94 16.27 -3.72 -15.23
N GLY A 95 15.25 -3.74 -14.39
CA GLY A 95 14.51 -2.51 -14.08
C GLY A 95 15.33 -1.52 -13.31
N ASP A 96 16.07 -1.96 -12.32
CA ASP A 96 16.97 -1.04 -11.61
C ASP A 96 18.07 -0.51 -12.54
N GLU A 97 18.51 -1.32 -13.49
CA GLU A 97 19.49 -0.84 -14.47
C GLU A 97 18.86 0.22 -15.38
N PHE A 98 17.64 0.04 -15.83
CA PHE A 98 16.91 1.08 -16.57
C PHE A 98 16.87 2.36 -15.77
N THR A 99 16.51 2.27 -14.48
CA THR A 99 16.36 3.49 -13.67
C THR A 99 17.72 4.16 -13.48
N ARG A 100 18.78 3.38 -13.26
CA ARG A 100 20.10 4.00 -13.13
CA ARG A 100 20.10 4.01 -13.12
C ARG A 100 20.50 4.67 -14.44
N GLN A 101 20.11 4.15 -15.56
CA GLN A 101 20.39 4.83 -16.85
C GLN A 101 19.59 6.12 -16.94
N LEU A 102 18.34 6.11 -16.55
CA LEU A 102 17.47 7.29 -16.61
C LEU A 102 17.97 8.38 -15.66
N LEU A 103 18.27 8.06 -14.38
CA LEU A 103 18.59 9.04 -13.36
C LEU A 103 20.07 9.36 -13.31
N GLY A 104 20.92 8.49 -13.81
CA GLY A 104 22.38 8.68 -13.72
C GLY A 104 23.00 8.09 -12.49
N GLY A 105 22.84 6.79 -12.29
CA GLY A 105 23.64 6.08 -11.30
C GLY A 105 22.90 5.72 -10.03
N ASN A 106 21.67 6.11 -9.88
CA ASN A 106 20.93 5.82 -8.63
C ASN A 106 19.49 5.53 -8.97
N LEU A 107 18.77 5.16 -7.90
CA LEU A 107 17.39 4.63 -8.00
C LEU A 107 16.36 5.53 -7.36
N ARG A 108 16.73 6.71 -6.92
CA ARG A 108 15.82 7.61 -6.17
C ARG A 108 14.97 8.35 -7.19
N ILE A 109 13.97 7.66 -7.69
CA ILE A 109 13.07 8.17 -8.76
C ILE A 109 11.97 9.01 -8.20
N LEU A 110 11.70 8.91 -6.90
CA LEU A 110 10.80 9.84 -6.20
C LEU A 110 11.50 10.36 -4.95
N ASP A 111 11.17 11.57 -4.53
CA ASP A 111 11.60 12.14 -3.22
C ASP A 111 10.54 11.82 -2.13
N ALA A 112 9.75 10.84 -2.27
CA ALA A 112 8.68 10.44 -1.37
C ALA A 112 9.33 9.72 -0.17
N LEU A 113 8.61 9.69 0.95
CA LEU A 113 9.16 9.09 2.19
C LEU A 113 9.77 7.73 2.00
N PRO A 114 9.23 6.76 1.25
CA PRO A 114 9.86 5.44 1.23
C PRO A 114 11.30 5.40 0.76
N TYR A 115 11.71 6.45 0.01
CA TYR A 115 13.04 6.53 -0.60
C TYR A 115 14.06 7.19 0.31
N LEU A 116 13.59 7.74 1.41
CA LEU A 116 14.42 8.56 2.31
C LEU A 116 14.89 7.82 3.55
N ASP A 117 16.05 8.22 4.04
CA ASP A 117 16.59 7.72 5.30
C ASP A 117 16.80 8.90 6.22
N GLN A 118 16.93 8.63 7.50
CA GLN A 118 17.12 9.70 8.51
C GLN A 118 18.52 10.28 8.35
N PRO A 119 18.71 11.57 8.60
CA PRO A 119 17.68 12.45 9.07
C PRO A 119 16.74 13.11 8.07
N GLU A 120 17.07 12.98 6.78
CA GLU A 120 16.22 13.62 5.74
C GLU A 120 14.77 13.14 5.85
N HIS A 121 14.56 11.84 6.07
CA HIS A 121 13.21 11.27 6.22
C HIS A 121 12.44 11.99 7.32
N SER A 122 13.14 12.26 8.42
CA SER A 122 12.47 12.85 9.59
C SER A 122 12.04 14.29 9.29
N VAL A 123 12.92 15.04 8.62
CA VAL A 123 12.60 16.43 8.29
C VAL A 123 11.44 16.48 7.34
N VAL A 124 11.44 15.65 6.30
CA VAL A 124 10.37 15.69 5.30
C VAL A 124 9.06 15.21 5.95
N LYS A 125 9.10 14.13 6.71
CA LYS A 125 7.85 13.58 7.30
C LYS A 125 7.19 14.61 8.22
N ASP A 126 8.02 15.41 8.87
CA ASP A 126 7.43 16.40 9.81
C ASP A 126 6.60 17.43 9.04
N VAL A 127 6.72 17.63 7.75
CA VAL A 127 5.84 18.57 7.00
C VAL A 127 4.37 18.18 7.21
N ALA A 128 4.05 16.90 7.18
CA ALA A 128 2.64 16.44 7.22
C ALA A 128 2.33 15.64 8.48
N PHE A 129 3.24 15.33 9.36
CA PHE A 129 3.04 14.42 10.55
C PHE A 129 1.78 14.87 11.32
N ASP A 130 1.69 16.18 11.62
CA ASP A 130 0.55 16.65 12.45
C ASP A 130 -0.77 16.51 11.72
N TRP A 131 -0.84 16.78 10.42
CA TRP A 131 -2.07 16.72 9.63
C TRP A 131 -2.71 15.33 9.76
N PHE A 132 -1.83 14.32 9.80
CA PHE A 132 -2.29 12.93 9.72
C PHE A 132 -2.60 12.34 11.09
N ARG A 133 -2.42 13.10 12.17
CA ARG A 133 -2.71 12.59 13.52
CA ARG A 133 -2.74 12.58 13.50
C ARG A 133 -4.23 12.46 13.70
N PRO A 134 -4.67 11.47 14.51
CA PRO A 134 -6.11 11.23 14.62
C PRO A 134 -6.89 12.49 15.04
N ALA A 135 -6.39 13.26 15.99
CA ALA A 135 -7.19 14.44 16.45
C ALA A 135 -7.37 15.46 15.35
N ASN A 136 -6.40 15.58 14.44
CA ASN A 136 -6.40 16.57 13.37
C ASN A 136 -7.21 16.08 12.18
N LEU A 137 -7.58 14.80 12.17
CA LEU A 137 -8.45 14.23 11.12
C LEU A 137 -9.93 14.34 11.52
N LYS A 138 -10.25 14.59 12.77
CA LYS A 138 -11.68 14.61 13.23
C LYS A 138 -12.45 15.64 12.43
N LYS A 139 -11.82 16.76 12.06
CA LYS A 139 -12.50 17.88 11.33
C LYS A 139 -12.98 17.39 9.96
N TRP A 140 -12.47 16.28 9.44
CA TRP A 140 -12.91 15.78 8.11
C TRP A 140 -13.99 14.71 8.24
N GLU A 141 -14.32 14.26 9.42
CA GLU A 141 -15.24 13.11 9.55
C GLU A 141 -16.58 13.41 8.90
N ASP A 142 -17.17 14.59 9.08
CA ASP A 142 -18.51 14.84 8.50
C ASP A 142 -18.44 14.81 6.97
N ARG A 143 -17.41 15.39 6.37
CA ARG A 143 -17.25 15.36 4.90
C ARG A 143 -17.05 13.90 4.46
N ILE A 144 -16.28 13.14 5.19
CA ILE A 144 -16.08 11.71 4.84
C ILE A 144 -17.44 11.00 4.86
N ARG A 145 -18.28 11.26 5.87
CA ARG A 145 -19.55 10.58 6.08
C ARG A 145 -20.51 10.99 4.97
N GLU A 146 -20.49 12.26 4.55
CA GLU A 146 -21.35 12.70 3.43
C GLU A 146 -20.90 12.02 2.14
N THR A 147 -19.60 11.86 1.94
CA THR A 147 -19.10 11.15 0.75
C THR A 147 -19.50 9.67 0.81
N ALA A 148 -19.38 9.00 1.95
CA ALA A 148 -19.80 7.59 2.09
C ALA A 148 -21.30 7.48 1.75
N ARG A 149 -22.09 8.39 2.28
CA ARG A 149 -23.57 8.30 2.14
C ARG A 149 -23.95 8.47 0.68
N ALA A 150 -23.30 9.38 -0.04
CA ALA A 150 -23.55 9.59 -1.48
C ALA A 150 -23.15 8.34 -2.27
N SER A 151 -22.04 7.71 -1.91
CA SER A 151 -21.56 6.48 -2.58
C SER A 151 -22.56 5.35 -2.31
N ILE A 152 -23.12 5.28 -1.11
CA ILE A 152 -24.10 4.24 -0.72
C ILE A 152 -25.42 4.50 -1.48
N ASP A 153 -25.81 5.76 -1.63
CA ASP A 153 -27.05 6.12 -2.36
C ASP A 153 -26.93 5.56 -3.78
N ARG A 154 -25.76 5.69 -4.43
CA ARG A 154 -25.49 5.20 -5.81
C ARG A 154 -25.51 3.67 -5.84
N LEU A 155 -24.95 3.02 -4.82
CA LEU A 155 -24.96 1.54 -4.71
C LEU A 155 -26.41 1.06 -4.66
N LEU A 156 -27.24 1.66 -3.82
CA LEU A 156 -28.65 1.24 -3.67
C LEU A 156 -29.34 1.45 -5.02
N ALA A 157 -29.09 2.58 -5.68
CA ALA A 157 -29.75 2.99 -6.95
C ALA A 157 -29.39 2.00 -8.07
N GLY A 158 -28.17 1.45 -8.06
CA GLY A 158 -27.67 0.60 -9.17
C GLY A 158 -28.08 -0.84 -9.03
N GLY A 159 -28.73 -1.24 -7.93
CA GLY A 159 -29.25 -2.60 -7.79
C GLY A 159 -28.24 -3.59 -7.22
N PRO A 160 -28.66 -4.84 -7.01
CA PRO A 160 -27.93 -5.77 -6.16
C PRO A 160 -26.76 -6.48 -6.83
N ASP A 161 -26.67 -6.39 -8.15
CA ASP A 161 -25.63 -7.13 -8.92
C ASP A 161 -24.60 -6.17 -9.46
N LEU A 162 -23.34 -6.35 -9.03
CA LEU A 162 -22.29 -5.40 -9.43
C LEU A 162 -20.94 -6.02 -9.16
N ASP A 163 -19.92 -5.38 -9.72
CA ASP A 163 -18.54 -5.61 -9.24
C ASP A 163 -18.33 -4.66 -8.04
N ALA A 164 -18.23 -5.25 -6.85
CA ALA A 164 -18.05 -4.48 -5.60
C ALA A 164 -16.76 -3.67 -5.62
N VAL A 165 -15.82 -3.98 -6.52
CA VAL A 165 -14.58 -3.14 -6.64
C VAL A 165 -14.80 -1.99 -7.60
N GLN A 166 -14.82 -2.25 -8.93
CA GLN A 166 -14.83 -1.18 -9.91
C GLN A 166 -16.13 -0.39 -9.91
N GLU A 167 -17.24 -0.96 -9.39
CA GLU A 167 -18.52 -0.25 -9.45
C GLU A 167 -18.89 0.26 -8.06
N PHE A 168 -18.04 0.14 -7.04
CA PHE A 168 -18.38 0.67 -5.70
C PHE A 168 -17.10 1.08 -4.94
N ALA A 169 -16.30 0.10 -4.52
CA ALA A 169 -15.25 0.35 -3.48
C ALA A 169 -14.22 1.35 -3.97
N VAL A 170 -13.91 1.41 -5.25
CA VAL A 170 -12.81 2.32 -5.71
C VAL A 170 -13.15 3.79 -5.56
N PHE A 171 -14.43 4.16 -5.66
CA PHE A 171 -14.83 5.57 -5.78
C PHE A 171 -14.75 6.32 -4.45
N PHE A 172 -15.19 5.76 -3.33
CA PHE A 172 -15.27 6.50 -2.05
C PHE A 172 -13.88 6.96 -1.63
N PRO A 173 -12.87 6.09 -1.53
CA PRO A 173 -11.56 6.55 -1.03
C PRO A 173 -10.92 7.57 -1.96
N LEU A 174 -11.18 7.40 -3.26
CA LEU A 174 -10.62 8.36 -4.25
C LEU A 174 -11.28 9.74 -4.07
N ARG A 175 -12.61 9.77 -3.90
CA ARG A 175 -13.28 11.07 -3.73
C ARG A 175 -12.80 11.70 -2.42
N VAL A 176 -12.66 10.90 -1.36
CA VAL A 176 -12.23 11.44 -0.04
C VAL A 176 -10.88 12.10 -0.22
N ILE A 177 -9.89 11.34 -0.71
CA ILE A 177 -8.52 11.91 -0.77
C ILE A 177 -8.44 13.10 -1.73
N MET A 178 -9.12 13.04 -2.88
CA MET A 178 -9.06 14.15 -3.83
C MET A 178 -9.75 15.39 -3.26
N SER A 179 -10.79 15.20 -2.46
CA SER A 179 -11.46 16.37 -1.84
C SER A 179 -10.50 17.01 -0.82
N LEU A 180 -9.87 16.19 0.02
CA LEU A 180 -9.00 16.70 1.10
C LEU A 180 -7.75 17.29 0.48
N PHE A 181 -7.27 16.64 -0.57
CA PHE A 181 -6.03 16.98 -1.27
C PHE A 181 -6.25 18.33 -1.95
N GLY A 182 -7.42 18.52 -2.57
CA GLY A 182 -7.84 19.72 -3.30
C GLY A 182 -7.92 19.53 -4.83
N VAL A 183 -7.81 18.30 -5.35
CA VAL A 183 -7.95 17.97 -6.81
C VAL A 183 -9.46 18.04 -7.15
N PRO A 184 -9.87 18.74 -8.24
CA PRO A 184 -11.29 18.80 -8.60
C PRO A 184 -11.87 17.44 -9.02
N GLU A 185 -13.17 17.26 -8.88
CA GLU A 185 -13.83 15.96 -9.11
C GLU A 185 -13.61 15.52 -10.54
N GLU A 186 -13.59 16.43 -11.50
CA GLU A 186 -13.43 16.05 -12.92
C GLU A 186 -12.03 15.44 -13.18
N ASP A 187 -11.07 15.60 -12.26
CA ASP A 187 -9.71 15.02 -12.46
C ASP A 187 -9.63 13.65 -11.80
N GLU A 188 -10.68 13.15 -11.17
CA GLU A 188 -10.60 11.83 -10.50
C GLU A 188 -10.31 10.74 -11.52
N PRO A 189 -10.94 10.67 -12.69
CA PRO A 189 -10.69 9.59 -13.63
C PRO A 189 -9.21 9.54 -14.08
N ARG A 190 -8.57 10.67 -14.25
CA ARG A 190 -7.14 10.72 -14.61
C ARG A 190 -6.32 10.17 -13.44
N MET A 191 -6.60 10.58 -12.21
CA MET A 191 -5.84 10.07 -11.05
C MET A 191 -6.07 8.58 -10.94
N MET A 192 -7.26 8.07 -11.19
CA MET A 192 -7.54 6.63 -11.06
CA MET A 192 -7.53 6.62 -11.06
C MET A 192 -6.73 5.88 -12.14
N ALA A 193 -6.72 6.39 -13.36
CA ALA A 193 -6.00 5.75 -14.46
C ALA A 193 -4.50 5.71 -14.15
N LEU A 194 -3.93 6.79 -13.67
CA LEU A 194 -2.49 6.78 -13.36
C LEU A 194 -2.21 5.87 -12.16
N THR A 195 -3.10 5.75 -11.19
CA THR A 195 -2.92 4.82 -10.07
C THR A 195 -2.91 3.40 -10.57
N GLN A 196 -3.81 3.05 -11.50
CA GLN A 196 -3.79 1.69 -12.10
C GLN A 196 -2.47 1.46 -12.84
N ASP A 197 -1.95 2.45 -13.56
CA ASP A 197 -0.64 2.29 -14.24
C ASP A 197 0.46 2.05 -13.21
N PHE A 198 0.41 2.79 -12.11
CA PHE A 198 1.45 2.83 -11.06
C PHE A 198 1.55 1.53 -10.30
N PHE A 199 0.41 0.97 -9.88
CA PHE A 199 0.38 -0.28 -9.09
C PHE A 199 0.22 -1.47 -10.02
N GLY A 200 0.04 -1.26 -11.34
CA GLY A 200 -0.14 -2.35 -12.32
C GLY A 200 1.08 -2.62 -13.16
N VAL A 201 2.24 -2.13 -12.77
CA VAL A 201 3.46 -2.20 -13.63
C VAL A 201 3.76 -3.60 -14.11
N ALA A 202 3.40 -4.62 -13.37
CA ALA A 202 3.69 -6.02 -13.68
C ALA A 202 2.40 -6.81 -13.88
N ASP A 203 1.28 -6.16 -14.05
CA ASP A 203 -0.01 -6.86 -14.21
C ASP A 203 -0.29 -6.87 -15.70
N PRO A 204 -0.65 -8.04 -16.26
CA PRO A 204 -0.82 -8.12 -17.71
C PRO A 204 -1.98 -7.31 -18.28
N ASP A 205 -2.95 -6.99 -17.44
CA ASP A 205 -4.15 -6.26 -17.86
C ASP A 205 -4.03 -4.77 -17.58
N ALA A 206 -2.88 -4.32 -17.08
CA ALA A 206 -2.71 -2.91 -16.70
C ALA A 206 -1.54 -2.30 -17.44
N GLN A 207 -1.13 -2.82 -18.60
CA GLN A 207 0.07 -2.33 -19.31
C GLN A 207 -0.24 -1.02 -20.01
N ARG A 208 0.66 -0.07 -19.89
CA ARG A 208 0.58 1.21 -20.65
C ARG A 208 0.87 0.96 -22.13
N ASP A 209 0.29 1.80 -22.96
CA ASP A 209 0.47 1.70 -24.44
C ASP A 209 1.81 2.26 -24.86
N ASP A 210 2.46 3.11 -24.08
CA ASP A 210 3.66 3.85 -24.48
C ASP A 210 4.96 3.19 -24.03
N ILE A 211 4.88 1.98 -23.46
CA ILE A 211 6.12 1.26 -23.04
C ILE A 211 6.18 -0.08 -23.78
N GLU A 212 7.40 -0.60 -23.90
CA GLU A 212 7.61 -1.97 -24.45
C GLU A 212 7.21 -3.00 -23.40
N ALA A 213 6.04 -3.57 -23.52
CA ALA A 213 5.42 -4.42 -22.47
C ALA A 213 6.24 -5.66 -22.24
N LEU A 214 6.99 -6.15 -23.24
CA LEU A 214 7.65 -7.47 -23.09
C LEU A 214 9.13 -7.32 -22.77
N SER A 215 9.64 -6.10 -22.70
CA SER A 215 11.06 -5.85 -22.36
CA SER A 215 11.05 -5.85 -22.37
C SER A 215 11.37 -6.33 -20.96
N PRO A 216 12.63 -6.71 -20.68
CA PRO A 216 13.01 -7.18 -19.36
C PRO A 216 12.81 -6.13 -18.27
N ASP A 217 12.83 -4.88 -18.69
CA ASP A 217 12.68 -3.71 -17.81
C ASP A 217 11.33 -3.04 -17.95
N ALA A 218 10.33 -3.76 -18.45
CA ALA A 218 9.02 -3.15 -18.74
C ALA A 218 8.40 -2.49 -17.51
N ALA A 219 8.42 -3.16 -16.38
CA ALA A 219 7.75 -2.63 -15.17
C ALA A 219 8.43 -1.32 -14.79
N ALA A 220 9.75 -1.28 -14.84
CA ALA A 220 10.48 -0.06 -14.51
C ALA A 220 10.21 1.07 -15.50
N GLN A 221 10.05 0.72 -16.79
CA GLN A 221 9.67 1.75 -17.76
C GLN A 221 8.27 2.28 -17.48
N GLN A 222 7.36 1.41 -17.12
CA GLN A 222 6.00 1.87 -16.78
C GLN A 222 5.99 2.72 -15.51
N TRP A 223 6.73 2.28 -14.51
CA TRP A 223 6.86 3.08 -13.27
C TRP A 223 7.32 4.50 -13.60
N ALA A 224 8.38 4.62 -14.38
CA ALA A 224 8.93 5.94 -14.73
C ALA A 224 7.97 6.75 -15.58
N ALA A 225 7.30 6.11 -16.54
CA ALA A 225 6.40 6.87 -17.41
C ALA A 225 5.25 7.43 -16.59
N THR A 226 4.72 6.62 -15.65
CA THR A 226 3.60 7.04 -14.80
C THR A 226 4.02 8.18 -13.91
N ILE A 227 5.21 8.09 -13.34
CA ILE A 227 5.73 9.20 -12.49
C ILE A 227 5.82 10.48 -13.29
N ALA A 228 6.30 10.40 -14.53
CA ALA A 228 6.43 11.61 -15.37
C ALA A 228 5.07 12.24 -15.58
N ASP A 229 4.03 11.44 -15.78
CA ASP A 229 2.66 11.96 -15.96
C ASP A 229 2.23 12.60 -14.65
N PHE A 230 2.46 11.97 -13.51
CA PHE A 230 2.08 12.60 -12.25
C PHE A 230 2.84 13.91 -12.07
N TYR A 231 4.10 13.97 -12.36
CA TYR A 231 4.89 15.23 -12.22
C TYR A 231 4.24 16.33 -13.06
N ALA A 232 3.83 16.02 -14.26
CA ALA A 232 3.29 17.09 -15.15
C ALA A 232 2.03 17.63 -14.52
N TYR A 233 1.18 16.80 -13.97
CA TYR A 233 -0.06 17.22 -13.32
C TYR A 233 0.25 17.99 -12.06
N PHE A 234 1.11 17.45 -11.20
CA PHE A 234 1.39 18.07 -9.88
C PHE A 234 2.23 19.34 -10.02
N ASP A 235 3.01 19.55 -11.07
CA ASP A 235 3.73 20.83 -11.27
C ASP A 235 2.72 21.97 -11.32
N VAL A 236 1.64 21.78 -12.05
CA VAL A 236 0.60 22.83 -12.16
C VAL A 236 -0.02 23.05 -10.78
N LEU A 237 -0.30 21.98 -10.02
CA LEU A 237 -0.97 22.12 -8.73
C LEU A 237 -0.03 22.83 -7.73
N VAL A 238 1.24 22.45 -7.68
CA VAL A 238 2.22 23.10 -6.77
C VAL A 238 2.29 24.61 -7.06
N GLU A 239 2.46 24.95 -8.33
CA GLU A 239 2.60 26.40 -8.72
C GLU A 239 1.30 27.11 -8.33
N SER A 240 0.17 26.48 -8.57
CA SER A 240 -1.16 27.07 -8.30
C SER A 240 -1.25 27.40 -6.81
N ARG A 241 -0.90 26.48 -5.90
CA ARG A 241 -1.12 26.65 -4.45
C ARG A 241 -0.03 27.56 -3.87
N ARG A 242 1.17 27.62 -4.45
CA ARG A 242 2.22 28.57 -3.99
C ARG A 242 1.76 30.01 -4.29
N ALA A 243 1.09 30.19 -5.43
CA ALA A 243 0.57 31.50 -5.90
C ALA A 243 -0.68 31.87 -5.12
N GLU A 244 -1.57 30.91 -4.88
CA GLU A 244 -2.84 31.15 -4.16
C GLU A 244 -3.09 30.01 -3.19
N PRO A 245 -2.51 30.10 -1.98
CA PRO A 245 -2.74 29.10 -0.94
C PRO A 245 -4.24 28.91 -0.72
N ARG A 246 -4.64 27.69 -0.43
CA ARG A 246 -6.03 27.31 -0.02
C ARG A 246 -5.95 26.48 1.24
N ASP A 247 -7.11 26.15 1.80
CA ASP A 247 -7.17 25.34 3.05
C ASP A 247 -7.32 23.88 2.65
N ASP A 248 -6.29 23.34 1.98
CA ASP A 248 -6.29 21.94 1.52
C ASP A 248 -4.90 21.33 1.77
N LEU A 249 -4.82 20.02 1.65
CA LEU A 249 -3.56 19.30 1.95
C LEU A 249 -2.54 19.64 0.87
N ALA A 250 -2.99 19.87 -0.35
CA ALA A 250 -2.10 20.29 -1.46
C ALA A 250 -1.35 21.52 -0.99
N THR A 251 -2.01 22.47 -0.32
CA THR A 251 -1.33 23.75 0.00
C THR A 251 -0.27 23.48 1.06
N LEU A 252 -0.60 22.73 2.12
CA LEU A 252 0.32 22.40 3.24
C LEU A 252 1.61 21.90 2.61
N ILE A 253 1.50 20.95 1.68
CA ILE A 253 2.72 20.37 1.05
C ILE A 253 3.38 21.31 0.04
N ALA A 254 2.61 22.00 -0.78
CA ALA A 254 3.17 22.84 -1.86
C ALA A 254 3.98 24.00 -1.28
N VAL A 255 3.53 24.54 -0.16
CA VAL A 255 4.18 25.78 0.36
C VAL A 255 5.24 25.45 1.39
N ALA A 256 5.46 24.17 1.72
CA ALA A 256 6.34 23.77 2.83
C ALA A 256 7.74 24.32 2.59
N LYS A 257 8.31 24.87 3.67
CA LYS A 257 9.67 25.45 3.66
C LYS A 257 10.53 24.71 4.69
N ASP A 258 11.82 24.65 4.40
CA ASP A 258 12.83 24.05 5.30
C ASP A 258 13.25 25.03 6.40
N GLU A 259 14.22 24.60 7.21
CA GLU A 259 14.63 25.36 8.42
C GLU A 259 15.29 26.69 7.99
N ASN A 260 15.74 26.84 6.74
CA ASN A 260 16.37 28.10 6.25
C ASN A 260 15.34 29.01 5.58
N GLY A 261 14.05 28.67 5.59
CA GLY A 261 13.01 29.49 4.95
C GLY A 261 12.91 29.32 3.43
N GLU A 262 13.54 28.29 2.85
CA GLU A 262 13.45 28.06 1.38
C GLU A 262 12.42 26.95 1.17
N TYR A 263 11.64 27.06 0.12
CA TYR A 263 10.74 25.96 -0.27
C TYR A 263 11.59 24.70 -0.33
N PHE A 264 11.02 23.58 0.12
CA PHE A 264 11.58 22.28 -0.32
C PHE A 264 11.53 22.22 -1.83
N PRO A 265 12.48 21.54 -2.47
CA PRO A 265 12.40 21.36 -3.92
C PRO A 265 11.04 20.82 -4.33
N LYS A 266 10.58 21.21 -5.52
CA LYS A 266 9.25 20.85 -6.00
C LYS A 266 9.10 19.34 -6.01
N THR A 267 10.15 18.57 -6.32
CA THR A 267 10.00 17.11 -6.36
C THR A 267 9.59 16.55 -4.99
N PHE A 268 9.86 17.24 -3.91
CA PHE A 268 9.42 16.75 -2.58
C PHE A 268 7.90 16.86 -2.51
N ALA A 269 7.33 17.95 -2.97
CA ALA A 269 5.87 18.06 -3.04
C ALA A 269 5.37 16.98 -3.97
N TYR A 270 6.00 16.78 -5.12
CA TYR A 270 5.47 15.78 -6.07
C TYR A 270 5.49 14.40 -5.40
N GLY A 271 6.49 14.12 -4.60
CA GLY A 271 6.58 12.82 -3.90
C GLY A 271 5.40 12.63 -2.96
N TRP A 272 5.11 13.62 -2.14
CA TRP A 272 3.93 13.54 -1.26
C TRP A 272 2.69 13.33 -2.12
N PHE A 273 2.57 14.07 -3.21
CA PHE A 273 1.34 14.05 -4.02
C PHE A 273 1.19 12.69 -4.70
N VAL A 274 2.27 12.11 -5.21
CA VAL A 274 2.19 10.75 -5.78
C VAL A 274 1.74 9.77 -4.71
N ALA A 275 2.32 9.83 -3.52
CA ALA A 275 1.92 8.86 -2.46
C ALA A 275 0.45 9.05 -2.13
N ILE A 276 0.00 10.29 -1.90
CA ILE A 276 -1.41 10.57 -1.50
C ILE A 276 -2.34 10.16 -2.63
N ALA A 277 -1.98 10.43 -3.87
CA ALA A 277 -2.84 10.20 -5.05
C ALA A 277 -2.92 8.72 -5.43
N THR A 278 -2.12 7.83 -4.84
CA THR A 278 -2.06 6.40 -5.19
C THR A 278 -2.36 5.55 -3.97
N ALA A 279 -1.43 5.42 -3.07
CA ALA A 279 -1.64 4.69 -1.79
C ALA A 279 -2.77 5.35 -1.01
N GLY A 280 -2.94 6.65 -1.12
CA GLY A 280 -3.95 7.39 -0.37
C GLY A 280 -5.35 6.91 -0.61
N HIS A 281 -5.67 6.24 -1.70
CA HIS A 281 -7.01 5.69 -1.93
C HIS A 281 -6.98 4.18 -2.23
N ASP A 282 -5.98 3.68 -2.93
CA ASP A 282 -6.04 2.31 -3.45
C ASP A 282 -6.10 1.27 -2.34
N THR A 283 -5.31 1.47 -1.31
CA THR A 283 -5.19 0.53 -0.17
C THR A 283 -6.53 0.44 0.61
N THR A 284 -7.14 1.57 0.81
CA THR A 284 -8.44 1.65 1.48
C THR A 284 -9.48 0.95 0.64
N ALA A 285 -9.44 1.18 -0.67
CA ALA A 285 -10.39 0.49 -1.56
C ALA A 285 -10.21 -1.02 -1.46
N SER A 286 -8.98 -1.51 -1.50
CA SER A 286 -8.64 -2.93 -1.41
C SER A 286 -9.17 -3.52 -0.11
N THR A 287 -8.97 -2.78 0.98
CA THR A 287 -9.34 -3.29 2.32
C THR A 287 -10.89 -3.34 2.39
N LEU A 288 -11.54 -2.33 1.89
CA LEU A 288 -13.04 -2.34 1.86
C LEU A 288 -13.54 -3.53 1.05
N ALA A 289 -12.97 -3.75 -0.14
CA ALA A 289 -13.43 -4.86 -0.98
C ALA A 289 -13.13 -6.17 -0.31
N GLY A 290 -11.97 -6.34 0.32
CA GLY A 290 -11.61 -7.53 1.04
C GLY A 290 -12.56 -7.78 2.22
N CYS A 291 -12.94 -6.71 2.90
CA CYS A 291 -13.91 -6.80 4.02
C CYS A 291 -15.22 -7.40 3.46
N LEU A 292 -15.71 -6.82 2.39
CA LEU A 292 -16.98 -7.35 1.78
C LEU A 292 -16.79 -8.82 1.45
N GLN A 293 -15.70 -9.22 0.82
CA GLN A 293 -15.45 -10.61 0.48
C GLN A 293 -15.49 -11.49 1.73
N SER A 294 -14.92 -11.03 2.85
CA SER A 294 -14.91 -11.79 4.10
C SER A 294 -16.32 -11.83 4.71
N LEU A 295 -17.11 -10.78 4.53
CA LEU A 295 -18.49 -10.82 5.10
C LEU A 295 -19.31 -11.81 4.28
N ALA A 296 -19.00 -12.02 3.01
CA ALA A 296 -19.70 -13.06 2.22
C ALA A 296 -19.34 -14.45 2.74
N ALA A 297 -18.09 -14.70 3.10
CA ALA A 297 -17.59 -15.99 3.57
C ALA A 297 -18.09 -16.24 5.00
N HIS A 298 -18.34 -15.16 5.75
CA HIS A 298 -18.62 -15.22 7.22
C HIS A 298 -19.87 -14.40 7.49
N PRO A 299 -21.08 -14.84 7.02
CA PRO A 299 -22.26 -13.99 7.12
C PRO A 299 -22.62 -13.69 8.59
N GLU A 300 -22.23 -14.59 9.50
CA GLU A 300 -22.48 -14.45 10.97
C GLU A 300 -21.73 -13.21 11.46
N VAL A 301 -20.61 -12.86 10.81
CA VAL A 301 -19.88 -11.62 11.20
C VAL A 301 -20.71 -10.41 10.80
N LEU A 302 -21.24 -10.34 9.61
CA LEU A 302 -22.12 -9.23 9.19
C LEU A 302 -23.28 -9.11 10.19
N ASP A 303 -23.90 -10.23 10.52
CA ASP A 303 -25.07 -10.19 11.46
C ASP A 303 -24.60 -9.56 12.77
N ARG A 304 -23.46 -9.98 13.29
CA ARG A 304 -22.94 -9.52 14.59
C ARG A 304 -22.62 -8.03 14.54
N VAL A 305 -21.99 -7.52 13.47
CA VAL A 305 -21.60 -6.11 13.43
C VAL A 305 -22.82 -5.22 13.19
N LYS A 306 -23.88 -5.73 12.53
CA LYS A 306 -25.12 -4.93 12.38
C LYS A 306 -25.79 -4.85 13.77
N GLY A 307 -25.61 -5.89 14.56
CA GLY A 307 -26.20 -5.98 15.90
C GLY A 307 -25.44 -5.11 16.87
N ASP A 308 -24.13 -4.91 16.64
CA ASP A 308 -23.29 -4.07 17.54
C ASP A 308 -22.31 -3.25 16.69
N PRO A 309 -22.72 -2.07 16.22
CA PRO A 309 -21.88 -1.20 15.39
C PRO A 309 -20.57 -0.82 16.07
N ASP A 310 -20.44 -0.93 17.40
CA ASP A 310 -19.15 -0.67 18.08
C ASP A 310 -18.11 -1.73 17.73
N LEU A 311 -18.50 -2.84 17.12
CA LEU A 311 -17.56 -3.87 16.58
C LEU A 311 -16.92 -3.38 15.28
N ILE A 312 -17.39 -2.32 14.68
CA ILE A 312 -16.86 -1.88 13.33
C ILE A 312 -15.34 -1.68 13.40
N PRO A 313 -14.74 -1.01 14.39
CA PRO A 313 -13.28 -0.84 14.37
C PRO A 313 -12.60 -2.20 14.43
N ASP A 314 -13.12 -3.20 15.14
CA ASP A 314 -12.54 -4.54 15.21
C ASP A 314 -12.64 -5.16 13.81
N LEU A 315 -13.76 -4.98 13.13
CA LEU A 315 -13.91 -5.51 11.76
C LEU A 315 -12.86 -4.86 10.85
N VAL A 316 -12.67 -3.56 10.97
CA VAL A 316 -11.63 -2.86 10.17
C VAL A 316 -10.27 -3.45 10.47
N ASN A 317 -9.91 -3.63 11.72
CA ASN A 317 -8.57 -4.13 12.07
C ASN A 317 -8.38 -5.53 11.54
N GLU A 318 -9.38 -6.41 11.60
CA GLU A 318 -9.19 -7.77 11.09
C GLU A 318 -9.20 -7.78 9.56
N SER A 319 -9.91 -6.88 8.90
CA SER A 319 -9.84 -6.72 7.43
C SER A 319 -8.41 -6.27 7.08
N LEU A 320 -7.85 -5.35 7.81
CA LEU A 320 -6.47 -4.88 7.52
C LEU A 320 -5.53 -6.02 7.66
N ARG A 321 -5.61 -6.83 8.70
CA ARG A 321 -4.69 -7.93 8.93
C ARG A 321 -4.81 -8.94 7.79
N ILE A 322 -6.03 -9.33 7.43
CA ILE A 322 -6.25 -10.39 6.42
C ILE A 322 -5.83 -9.87 5.02
N VAL A 323 -6.25 -8.69 4.66
CA VAL A 323 -6.03 -8.15 3.28
C VAL A 323 -4.58 -7.73 3.11
N SER A 324 -4.03 -7.00 4.10
CA SER A 324 -2.60 -6.57 4.12
C SER A 324 -2.19 -6.16 2.71
N PRO A 325 -2.79 -5.10 2.14
CA PRO A 325 -2.61 -4.84 0.71
C PRO A 325 -1.23 -4.33 0.34
N VAL A 326 -0.49 -3.75 1.27
CA VAL A 326 0.89 -3.30 0.99
C VAL A 326 1.79 -4.46 1.37
N LYS A 327 2.34 -5.13 0.37
CA LYS A 327 3.00 -6.45 0.59
C LYS A 327 4.45 -6.36 1.05
N HIS A 328 5.14 -5.30 0.68
CA HIS A 328 6.57 -5.21 1.07
C HIS A 328 7.14 -3.84 0.77
N PHE A 329 8.22 -3.58 1.48
CA PHE A 329 9.26 -2.61 1.08
C PHE A 329 10.58 -3.36 1.30
N THR A 330 11.63 -2.86 0.67
CA THR A 330 12.95 -3.45 0.84
C THR A 330 13.83 -2.57 1.70
N ARG A 331 14.82 -3.22 2.29
CA ARG A 331 15.87 -2.56 3.05
C ARG A 331 17.22 -3.08 2.62
N VAL A 332 18.26 -2.35 2.94
CA VAL A 332 19.65 -2.81 2.74
C VAL A 332 20.40 -2.71 4.06
N ALA A 333 21.17 -3.75 4.35
CA ALA A 333 21.99 -3.76 5.57
C ALA A 333 23.17 -2.83 5.38
N LEU A 334 23.35 -1.89 6.29
CA LEU A 334 24.51 -0.95 6.23
C LEU A 334 25.71 -1.56 6.95
N GLN A 335 25.51 -2.64 7.66
CA GLN A 335 26.61 -3.37 8.34
C GLN A 335 26.16 -4.82 8.49
N ASP A 336 27.10 -5.69 8.79
CA ASP A 336 26.75 -7.10 9.05
C ASP A 336 25.83 -7.17 10.27
N TYR A 337 24.91 -8.10 10.25
CA TYR A 337 23.94 -8.20 11.36
C TYR A 337 23.48 -9.65 11.50
N GLU A 338 23.50 -10.20 12.70
CA GLU A 338 23.04 -11.57 12.94
C GLU A 338 21.60 -11.55 13.44
N MET A 339 20.75 -12.34 12.82
CA MET A 339 19.35 -12.46 13.25
C MET A 339 18.91 -13.91 13.01
N ARG A 340 18.23 -14.51 13.99
CA ARG A 340 17.61 -15.83 13.82
C ARG A 340 18.66 -16.83 13.30
N GLY A 341 19.89 -16.76 13.81
CA GLY A 341 20.99 -17.70 13.47
C GLY A 341 21.55 -17.47 12.07
N GLN A 342 21.17 -16.37 11.41
CA GLN A 342 21.68 -16.10 10.04
C GLN A 342 22.59 -14.88 10.08
N LYS A 343 23.54 -14.81 9.16
CA LYS A 343 24.50 -13.72 9.03
C LYS A 343 24.15 -12.88 7.82
N ILE A 344 23.43 -11.81 8.07
CA ILE A 344 23.15 -10.82 7.01
C ILE A 344 24.41 -10.02 6.81
N LYS A 345 24.84 -9.86 5.59
CA LYS A 345 26.09 -9.12 5.33
C LYS A 345 25.78 -7.69 4.86
N ALA A 346 26.68 -6.80 5.17
CA ALA A 346 26.60 -5.44 4.67
C ALA A 346 26.37 -5.47 3.19
N GLY A 347 25.38 -4.72 2.72
CA GLY A 347 25.01 -4.64 1.31
C GLY A 347 23.91 -5.60 0.94
N ASP A 348 23.61 -6.57 1.77
CA ASP A 348 22.51 -7.52 1.46
C ASP A 348 21.17 -6.78 1.54
N ARG A 349 20.29 -7.11 0.62
CA ARG A 349 18.92 -6.58 0.62
C ARG A 349 17.97 -7.53 1.33
N LEU A 350 16.92 -6.95 1.89
CA LEU A 350 15.86 -7.62 2.66
C LEU A 350 14.55 -7.25 2.04
N MET A 351 13.59 -8.17 2.01
CA MET A 351 12.21 -7.93 1.56
C MET A 351 11.32 -8.14 2.78
N LEU A 352 10.66 -7.06 3.19
CA LEU A 352 9.78 -7.09 4.39
C LEU A 352 8.42 -7.60 4.00
N LEU A 353 8.04 -8.79 4.43
CA LEU A 353 6.78 -9.39 3.96
C LEU A 353 5.66 -9.14 4.98
N PHE A 354 5.03 -7.99 4.90
CA PHE A 354 4.01 -7.62 5.89
C PHE A 354 2.88 -8.63 5.89
N GLN A 355 2.49 -9.17 4.75
CA GLN A 355 1.34 -10.11 4.75
C GLN A 355 1.74 -11.35 5.53
N SER A 356 2.93 -11.83 5.44
CA SER A 356 3.40 -13.02 6.16
C SER A 356 3.44 -12.73 7.66
N GLY A 357 3.95 -11.59 8.09
CA GLY A 357 3.98 -11.21 9.50
C GLY A 357 2.57 -11.32 10.04
N ASN A 358 1.58 -10.92 9.29
CA ASN A 358 0.16 -10.90 9.67
C ASN A 358 -0.43 -12.30 9.73
N ARG A 359 0.30 -13.32 9.41
CA ARG A 359 -0.21 -14.72 9.52
C ARG A 359 0.70 -15.50 10.48
N ASP A 360 1.54 -14.86 11.23
CA ASP A 360 2.53 -15.55 12.05
C ASP A 360 1.81 -16.20 13.25
N ALA A 361 1.88 -17.51 13.31
CA ALA A 361 1.14 -18.27 14.37
C ALA A 361 1.74 -18.01 15.72
N GLU A 362 2.96 -17.51 15.84
CA GLU A 362 3.53 -17.14 17.16
C GLU A 362 2.82 -15.94 17.72
N VAL A 363 2.13 -15.15 16.90
CA VAL A 363 1.44 -13.92 17.33
C VAL A 363 -0.06 -14.06 17.27
N PHE A 364 -0.60 -14.70 16.24
CA PHE A 364 -2.04 -14.80 16.02
C PHE A 364 -2.46 -16.27 16.13
N ASP A 365 -3.42 -16.51 17.01
CA ASP A 365 -4.08 -17.83 17.10
C ASP A 365 -4.93 -18.04 15.85
N ARG A 366 -4.81 -19.21 15.20
CA ARG A 366 -5.59 -19.55 13.99
C ARG A 366 -5.45 -18.37 13.04
N PRO A 367 -4.22 -18.12 12.59
CA PRO A 367 -3.97 -16.87 11.85
C PRO A 367 -4.70 -16.73 10.51
N ASP A 368 -5.14 -17.85 9.90
CA ASP A 368 -5.89 -17.76 8.63
C ASP A 368 -7.38 -17.59 8.85
N ASP A 369 -7.83 -17.59 10.10
CA ASP A 369 -9.26 -17.41 10.37
C ASP A 369 -9.57 -15.93 10.45
N PHE A 370 -10.73 -15.55 9.96
CA PHE A 370 -11.27 -14.21 10.07
C PHE A 370 -11.91 -14.10 11.45
N ASP A 371 -11.28 -13.43 12.39
CA ASP A 371 -11.70 -13.41 13.82
C ASP A 371 -11.67 -11.95 14.29
N ILE A 372 -12.81 -11.26 14.30
CA ILE A 372 -12.84 -9.83 14.74
C ILE A 372 -12.62 -9.72 16.25
N ASP A 373 -12.62 -10.82 17.00
CA ASP A 373 -12.49 -10.75 18.48
C ASP A 373 -11.04 -10.80 18.93
N ARG A 374 -10.07 -10.60 18.04
CA ARG A 374 -8.65 -10.41 18.46
C ARG A 374 -8.52 -9.04 19.10
N ARG A 375 -8.27 -9.02 20.39
CA ARG A 375 -8.22 -7.76 21.18
C ARG A 375 -7.09 -7.90 22.18
N PRO A 376 -6.02 -7.09 22.04
CA PRO A 376 -5.84 -6.20 20.88
C PRO A 376 -5.51 -6.95 19.59
N ASN A 377 -5.83 -6.32 18.46
CA ASN A 377 -5.46 -6.90 17.15
C ASN A 377 -4.07 -6.35 16.77
N LYS A 378 -3.08 -7.19 16.95
CA LYS A 378 -1.64 -6.82 16.86
C LYS A 378 -1.13 -6.70 15.40
N HIS A 379 -1.99 -6.52 14.41
CA HIS A 379 -1.54 -6.57 13.00
C HIS A 379 -0.47 -5.53 12.76
N ILE A 380 0.32 -5.87 11.75
CA ILE A 380 1.43 -5.06 11.23
C ILE A 380 1.11 -4.69 9.76
N ALA A 381 -0.16 -4.53 9.37
CA ALA A 381 -0.51 -4.14 8.00
C ALA A 381 0.04 -2.75 7.66
N PHE A 382 0.29 -1.88 8.64
CA PHE A 382 0.82 -0.52 8.39
C PHE A 382 2.34 -0.49 8.57
N GLY A 383 2.98 -1.62 8.76
CA GLY A 383 4.41 -1.66 9.01
C GLY A 383 4.76 -1.12 10.38
N TYR A 384 5.95 -0.60 10.54
CA TYR A 384 6.58 -0.41 11.84
C TYR A 384 7.76 0.50 11.67
N GLY A 385 8.24 1.08 12.76
CA GLY A 385 9.40 1.95 12.72
C GLY A 385 9.10 3.30 12.13
N PRO A 386 10.15 4.11 11.88
CA PRO A 386 9.94 5.48 11.42
C PRO A 386 9.18 5.59 10.09
N HIS A 387 9.24 4.55 9.28
CA HIS A 387 8.49 4.49 7.99
C HIS A 387 7.07 4.02 8.16
N MET A 388 6.60 3.69 9.37
CA MET A 388 5.23 3.19 9.54
C MET A 388 4.27 4.12 8.81
N CYS A 389 3.26 3.52 8.18
CA CYS A 389 2.28 4.25 7.35
C CYS A 389 1.88 5.57 7.98
N ILE A 390 2.04 6.66 7.27
CA ILE A 390 1.57 7.96 7.78
C ILE A 390 0.06 8.07 7.65
N GLY A 391 -0.53 7.38 6.71
CA GLY A 391 -1.97 7.54 6.44
C GLY A 391 -2.86 6.63 7.27
N GLN A 392 -2.30 5.88 8.18
CA GLN A 392 -3.05 4.79 8.88
C GLN A 392 -4.30 5.35 9.55
N HIS A 393 -4.23 6.52 10.16
CA HIS A 393 -5.40 7.00 10.93
C HIS A 393 -6.47 7.44 9.97
N LEU A 394 -6.13 8.02 8.82
CA LEU A 394 -7.12 8.41 7.80
C LEU A 394 -7.77 7.15 7.22
N ALA A 395 -6.98 6.11 6.93
CA ALA A 395 -7.55 4.84 6.41
C ALA A 395 -8.53 4.24 7.41
N LYS A 396 -8.17 4.21 8.68
CA LYS A 396 -9.06 3.60 9.70
C LYS A 396 -10.31 4.45 9.86
N LEU A 397 -10.21 5.76 9.76
CA LEU A 397 -11.41 6.62 9.86
C LEU A 397 -12.31 6.40 8.66
N GLU A 398 -11.77 6.42 7.44
CA GLU A 398 -12.61 6.25 6.24
C GLU A 398 -13.30 4.90 6.28
N LEU A 399 -12.62 3.83 6.66
CA LEU A 399 -13.20 2.47 6.65
C LEU A 399 -14.27 2.42 7.73
N LYS A 400 -14.02 2.99 8.91
CA LYS A 400 -15.04 3.00 9.98
C LYS A 400 -16.27 3.74 9.49
N VAL A 401 -16.13 4.92 8.95
CA VAL A 401 -17.27 5.74 8.52
C VAL A 401 -18.04 5.01 7.44
N MET A 402 -17.36 4.47 6.43
CA MET A 402 -18.08 3.77 5.36
C MET A 402 -18.82 2.59 5.96
N LEU A 403 -18.22 1.78 6.81
CA LEU A 403 -18.92 0.59 7.31
C LEU A 403 -20.10 1.02 8.21
N GLN A 404 -19.93 2.08 8.98
CA GLN A 404 -21.06 2.55 9.85
C GLN A 404 -22.24 2.87 8.96
N GLU A 405 -22.06 3.48 7.82
CA GLU A 405 -23.14 3.92 6.91
C GLU A 405 -23.62 2.76 6.05
N LEU A 406 -22.75 1.85 5.64
CA LEU A 406 -23.12 0.80 4.66
C LEU A 406 -23.76 -0.38 5.35
N LEU A 407 -23.22 -0.93 6.42
CA LEU A 407 -23.65 -2.24 6.92
C LEU A 407 -25.13 -2.20 7.31
N PRO A 408 -25.71 -1.11 7.85
CA PRO A 408 -27.16 -1.13 8.13
C PRO A 408 -27.98 -1.47 6.89
N HIS A 409 -27.47 -1.15 5.68
CA HIS A 409 -28.18 -1.31 4.38
C HIS A 409 -27.93 -2.69 3.77
N LEU A 410 -27.07 -3.51 4.35
CA LEU A 410 -26.74 -4.86 3.83
C LEU A 410 -27.30 -5.95 4.72
N GLU A 411 -28.07 -6.89 4.16
CA GLU A 411 -28.53 -8.09 4.87
C GLU A 411 -27.57 -9.24 4.61
N ARG A 412 -27.00 -9.29 3.40
CA ARG A 412 -26.15 -10.41 2.96
C ARG A 412 -25.31 -9.98 1.75
N VAL A 413 -24.09 -10.47 1.72
CA VAL A 413 -23.16 -10.37 0.56
C VAL A 413 -22.92 -11.78 0.05
N GLU A 414 -23.14 -11.99 -1.25
CA GLU A 414 -22.79 -13.23 -1.92
C GLU A 414 -21.80 -12.92 -3.04
N VAL A 415 -20.73 -13.68 -3.09
CA VAL A 415 -19.79 -13.55 -4.25
C VAL A 415 -20.36 -14.45 -5.36
N SER A 416 -20.68 -13.84 -6.48
CA SER A 416 -21.49 -14.45 -7.56
C SER A 416 -20.62 -14.78 -8.76
N GLY A 417 -19.32 -14.48 -8.69
CA GLY A 417 -18.45 -14.63 -9.87
C GLY A 417 -17.02 -14.68 -9.36
N GLU A 418 -16.06 -14.86 -10.24
CA GLU A 418 -14.66 -15.15 -9.83
C GLU A 418 -13.97 -13.85 -9.42
N PRO A 419 -13.44 -13.80 -8.18
CA PRO A 419 -12.66 -12.61 -7.80
C PRO A 419 -11.35 -12.57 -8.60
N LYS A 420 -10.86 -11.35 -8.78
CA LYS A 420 -9.55 -11.12 -9.45
C LYS A 420 -8.71 -10.21 -8.57
N LEU A 421 -7.43 -10.60 -8.42
CA LEU A 421 -6.42 -9.78 -7.70
C LEU A 421 -5.55 -9.07 -8.72
N ILE A 422 -5.05 -7.91 -8.34
CA ILE A 422 -3.96 -7.25 -9.10
C ILE A 422 -2.70 -8.12 -8.97
N GLN A 423 -2.04 -8.41 -10.10
CA GLN A 423 -0.83 -9.20 -10.08
C GLN A 423 0.32 -8.23 -9.78
N THR A 424 0.77 -8.27 -8.56
CA THR A 424 1.86 -7.41 -8.05
C THR A 424 2.46 -8.05 -6.83
N ASN A 425 3.75 -7.84 -6.63
CA ASN A 425 4.39 -8.12 -5.34
C ASN A 425 4.41 -6.90 -4.42
N PHE A 426 3.78 -5.80 -4.81
CA PHE A 426 3.88 -4.53 -4.07
C PHE A 426 2.55 -4.13 -3.46
N VAL A 427 1.74 -3.36 -4.12
CA VAL A 427 0.46 -2.85 -3.58
C VAL A 427 -0.66 -3.52 -4.36
N GLY A 428 -1.25 -4.52 -3.72
CA GLY A 428 -2.20 -5.44 -4.38
C GLY A 428 -3.55 -5.43 -3.75
N GLY A 429 -4.23 -6.53 -3.86
CA GLY A 429 -5.62 -6.65 -3.43
C GLY A 429 -6.54 -6.80 -4.62
N LEU A 430 -7.83 -6.83 -4.34
CA LEU A 430 -8.82 -7.13 -5.39
C LEU A 430 -8.92 -6.02 -6.40
N ARG A 431 -9.10 -6.41 -7.69
CA ARG A 431 -9.54 -5.49 -8.75
C ARG A 431 -10.97 -5.83 -9.20
N LYS A 432 -11.46 -6.98 -8.79
CA LYS A 432 -12.85 -7.42 -9.21
C LYS A 432 -13.38 -8.37 -8.14
N LEU A 433 -14.63 -8.09 -7.76
CA LEU A 433 -15.37 -8.93 -6.81
C LEU A 433 -16.84 -8.93 -7.17
N PRO A 434 -17.24 -9.83 -8.10
CA PRO A 434 -18.65 -9.85 -8.52
C PRO A 434 -19.53 -10.33 -7.36
N VAL A 435 -20.54 -9.50 -7.04
CA VAL A 435 -21.43 -9.81 -5.89
C VAL A 435 -22.89 -9.77 -6.33
N HIS A 436 -23.66 -10.48 -5.52
CA HIS A 436 -25.13 -10.32 -5.34
C HIS A 436 -25.39 -9.86 -3.89
N LEU A 437 -25.89 -8.65 -3.77
CA LEU A 437 -26.17 -8.05 -2.45
C LEU A 437 -27.66 -8.24 -2.17
N THR A 438 -27.98 -8.44 -0.91
CA THR A 438 -29.36 -8.36 -0.40
C THR A 438 -29.43 -7.11 0.46
N PHE A 439 -30.21 -6.12 0.05
CA PHE A 439 -30.37 -4.84 0.75
C PHE A 439 -31.46 -4.97 1.83
N SER A 440 -31.30 -4.25 2.94
CA SER A 440 -32.26 -4.31 4.08
C SER A 440 -33.38 -3.32 3.80
CHA HEM B . 3.69 3.47 3.98
CHB HEM B . 0.16 0.28 4.47
CHC HEM B . -3.16 3.75 3.63
CHD HEM B . 0.41 6.87 2.83
C1A HEM B . 3.01 2.29 4.24
C2A HEM B . 3.59 1.03 4.58
C3A HEM B . 2.59 0.10 4.74
C4A HEM B . 1.41 0.88 4.42
CMA HEM B . 2.76 -1.29 5.08
CAA HEM B . 5.09 0.82 4.75
CBA HEM B . 5.52 0.96 6.25
CGA HEM B . 6.94 0.57 6.46
O1A HEM B . 7.82 0.82 5.60
O2A HEM B . 7.27 0.01 7.58
C1B HEM B . -1.06 0.94 4.22
C2B HEM B . -2.38 0.25 4.35
C3B HEM B . -3.29 1.26 4.06
C4B HEM B . -2.61 2.51 3.84
CMB HEM B . -2.62 -1.14 4.71
CAB HEM B . -4.80 1.31 4.03
CBB HEM B . -5.51 0.30 4.27
C1C HEM B . -2.52 4.94 3.38
C2C HEM B . -3.06 6.22 3.15
C3C HEM B . -2.05 7.12 2.91
C4C HEM B . -0.83 6.33 2.99
CMC HEM B . -4.54 6.52 3.29
CAC HEM B . -2.13 8.56 2.66
CBC HEM B . -3.24 9.33 2.58
C1D HEM B . 1.61 6.17 3.07
C2D HEM B . 2.96 6.83 2.91
C3D HEM B . 3.88 5.90 3.24
C4D HEM B . 3.13 4.70 3.61
CMD HEM B . 3.24 8.23 2.49
CAD HEM B . 5.40 5.99 3.30
CBD HEM B . 5.83 6.16 4.75
CGD HEM B . 7.32 6.22 4.94
O1D HEM B . 8.06 5.58 4.18
O2D HEM B . 7.72 6.89 5.92
NA HEM B . 1.63 2.16 4.16
NB HEM B . -1.23 2.22 3.88
NC HEM B . -1.14 5.06 3.28
ND HEM B . 1.74 4.88 3.44
FE HEM B . 0.25 3.65 3.94
CL C3U C . 4.36 6.13 -1.14
CAC C3U C . 3.73 4.75 -0.97
CAF C3U C . 3.23 4.36 0.20
CAH C3U C . 2.61 3.14 0.51
CAG C3U C . 2.51 2.31 -0.54
CAD C3U C . 3.01 2.74 -1.81
CAB C3U C . 3.62 3.91 -2.09
CAE C3U C . 4.14 4.21 -3.38
C1 GOL D . -7.24 -1.68 -4.89
O1 GOL D . -8.50 -1.07 -4.97
C2 GOL D . -7.30 -3.04 -5.53
O2 GOL D . -7.83 -2.89 -6.84
C3 GOL D . -5.97 -3.72 -5.62
O3 GOL D . -4.94 -2.77 -5.56
P PO4 E . -11.59 -9.88 -16.38
O1 PO4 E . -11.45 -9.83 -17.91
O2 PO4 E . -11.50 -8.43 -15.90
O3 PO4 E . -12.97 -10.42 -16.03
O4 PO4 E . -10.55 -10.81 -15.77
#